data_4OBS
#
_entry.id   4OBS
#
_cell.length_a   72.640
_cell.length_b   78.030
_cell.length_c   112.460
_cell.angle_alpha   90.00
_cell.angle_beta   90.00
_cell.angle_gamma   90.00
#
_symmetry.space_group_name_H-M   'P 21 21 21'
#
loop_
_entity.id
_entity.type
_entity.pdbx_description
1 polymer Alpha-L-iduronidase
2 branched alpha-D-mannopyranose-(1-2)-alpha-D-mannopyranose-(1-3)-[alpha-D-mannopyranose-(1-6)]beta-D-mannopyranose-(1-4)-2-acetamido-2-deoxy-beta-D-glucopyranose-(1-4)-2-acetamido-2-deoxy-beta-D-glucopyranose
3 non-polymer 2-acetamido-2-deoxy-beta-D-glucopyranose
4 non-polymer GLYCEROL
5 non-polymer 'CHLORIDE ION'
6 non-polymer 'SULFATE ION'
7 water water
#
_entity_poly.entity_id   1
_entity_poly.type   'polypeptide(L)'
_entity_poly.pdbx_seq_one_letter_code
;EAPHLVQVDAARALWPLRRFWRSTGFCPPLPHSQADPYVLSWDQQLNLAYVGAVPHRGIKQVRTHWLLELVTTRGSTGQG
LSYNFTHLDGYLDLLRENQLLPGFELMGSASGHFTDFEDKQQVFEWKDLVSSLARRYIGRYGLAHVSKWNFETWNEPDHH
DFDNVSMTMQGFLNYYDACSEGLRAASPALRLGGPGDSFHTPPRSPLSWGLLRHCHDGTNFFTGEAGVRLDYISLHRKGA
RSSISILEQEKVVAQQIRQLFPKFADTPIYNDEADPLVGWSLPQPWRADVTYAAMVVKVIAQHQNLLLANTTSAFPYALL
SNDNAFLSYHPHPFAQRTLTARFQVNNTRPPHVQLLRKPVLTAMGLLALLDEEQLWAEVSQAGTVLDSNHTVGVLASAHR
PQGPADAWRAAVLIYASDDTRAHPNRSVAVTLRLRGVPPGPGLVYVTRYLDNGLCSPDGEWRRLGRPVFPTAEQFRRMRA
AEDPVAAAPRPLPAGGRLTLRPALRLPSLLLVHVCARPEKPPGQVTRLRALPLTQGQLVLVWSDEHVGSKCLWTYEIQFS
QDGKAYTPVSRKPSTFNLFVFSPDTGAVSGSYRVRALDYWARPGPFSDPVPYLEVPVPRGPPSPGNP
;
_entity_poly.pdbx_strand_id   A
#
# COMPACT_ATOMS: atom_id res chain seq x y z
N ALA A 2 -13.76 -16.64 26.56
CA ALA A 2 -15.16 -16.47 26.05
C ALA A 2 -15.18 -16.08 24.57
N PRO A 3 -16.18 -16.57 23.81
CA PRO A 3 -16.23 -16.32 22.36
C PRO A 3 -16.53 -14.86 22.00
N HIS A 4 -16.03 -14.45 20.83
CA HIS A 4 -16.26 -13.10 20.32
C HIS A 4 -17.47 -13.09 19.40
N LEU A 5 -18.33 -12.10 19.59
CA LEU A 5 -19.51 -11.93 18.75
C LEU A 5 -19.31 -10.71 17.87
N VAL A 6 -19.31 -10.92 16.55
CA VAL A 6 -19.17 -9.82 15.58
C VAL A 6 -20.48 -9.62 14.82
N GLN A 7 -21.14 -8.49 15.06
CA GLN A 7 -22.42 -8.17 14.43
C GLN A 7 -22.23 -7.11 13.37
N VAL A 8 -22.86 -7.31 12.21
CA VAL A 8 -22.76 -6.37 11.09
C VAL A 8 -24.16 -6.13 10.55
N ASP A 9 -24.54 -4.85 10.41
CA ASP A 9 -25.81 -4.49 9.82
C ASP A 9 -25.60 -3.82 8.46
N ALA A 10 -25.95 -4.55 7.40
CA ALA A 10 -25.77 -4.09 6.02
C ALA A 10 -26.87 -3.14 5.53
N ALA A 11 -27.90 -2.90 6.34
CA ALA A 11 -28.99 -1.99 5.98
C ALA A 11 -28.65 -0.56 6.34
N ARG A 12 -27.49 -0.36 6.97
CA ARG A 12 -27.19 0.82 7.75
C ARG A 12 -25.83 1.40 7.34
N ALA A 13 -25.84 2.18 6.27
CA ALA A 13 -24.67 2.94 5.80
C ALA A 13 -24.51 4.22 6.61
N LEU A 14 -23.43 4.32 7.38
CA LEU A 14 -23.26 5.41 8.34
C LEU A 14 -22.61 6.66 7.72
N TRP A 15 -21.48 6.47 7.04
CA TRP A 15 -20.67 7.57 6.54
C TRP A 15 -19.62 7.01 5.58
N PRO A 16 -18.89 7.89 4.86
CA PRO A 16 -17.87 7.41 3.93
C PRO A 16 -16.78 6.61 4.62
N LEU A 17 -16.25 5.61 3.91
CA LEU A 17 -15.05 4.91 4.32
C LEU A 17 -14.02 5.18 3.23
N ARG A 18 -13.15 6.14 3.49
CA ARG A 18 -12.10 6.51 2.55
C ARG A 18 -10.92 5.55 2.69
N ARG A 19 -10.38 5.11 1.56
CA ARG A 19 -9.21 4.24 1.54
C ARG A 19 -7.94 5.09 1.74
N PHE A 20 -7.73 5.48 2.99
CA PHE A 20 -6.69 6.46 3.37
C PHE A 20 -5.31 5.85 3.59
N TRP A 21 -5.20 4.54 3.42
CA TRP A 21 -4.02 3.77 3.81
C TRP A 21 -3.19 3.31 2.61
N ARG A 22 -3.55 3.74 1.41
CA ARG A 22 -3.02 3.14 0.18
C ARG A 22 -1.66 3.73 -0.18
N SER A 23 -0.72 3.66 0.75
CA SER A 23 0.61 4.21 0.57
C SER A 23 1.69 3.31 1.13
N THR A 24 2.87 3.41 0.54
CA THR A 24 4.07 2.78 1.05
C THR A 24 5.25 3.71 0.78
N GLY A 25 6.44 3.29 1.14
CA GLY A 25 7.62 4.09 0.89
C GLY A 25 8.90 3.36 1.19
N PHE A 26 10.01 3.98 0.83
CA PHE A 26 11.34 3.42 1.07
C PHE A 26 12.43 4.46 0.86
N CYS A 27 13.67 4.07 1.17
CA CYS A 27 14.86 4.90 1.03
C CYS A 27 15.88 4.11 0.22
N PRO A 28 16.37 4.66 -0.91
CA PRO A 28 17.36 3.95 -1.74
C PRO A 28 18.63 3.55 -0.98
N PRO A 37 21.49 3.30 -10.88
CA PRO A 37 20.95 3.50 -9.53
C PRO A 37 20.24 2.26 -8.99
N TYR A 38 20.16 2.16 -7.67
CA TYR A 38 19.45 1.06 -6.98
C TYR A 38 17.95 1.10 -7.30
N VAL A 39 17.40 2.30 -7.43
CA VAL A 39 15.98 2.49 -7.79
C VAL A 39 15.62 1.98 -9.19
N LEU A 40 16.62 1.82 -10.07
CA LEU A 40 16.41 1.28 -11.41
C LEU A 40 16.96 -0.15 -11.58
N SER A 41 17.45 -0.77 -10.51
CA SER A 41 17.91 -2.16 -10.58
C SER A 41 16.76 -3.11 -10.93
N TRP A 42 17.10 -4.29 -11.45
CA TRP A 42 16.10 -5.31 -11.76
C TRP A 42 15.30 -5.65 -10.48
N ASP A 43 16.02 -5.87 -9.38
CA ASP A 43 15.40 -6.10 -8.06
C ASP A 43 14.27 -5.09 -7.79
N GLN A 44 14.55 -3.82 -8.03
CA GLN A 44 13.58 -2.76 -7.73
C GLN A 44 12.41 -2.76 -8.70
N GLN A 45 12.69 -3.02 -9.98
CA GLN A 45 11.63 -3.14 -10.98
C GLN A 45 10.67 -4.26 -10.58
N LEU A 46 11.22 -5.40 -10.15
CA LEU A 46 10.40 -6.49 -9.64
C LEU A 46 9.61 -6.06 -8.42
N ASN A 47 10.28 -5.45 -7.46
CA ASN A 47 9.64 -4.99 -6.23
C ASN A 47 8.42 -4.12 -6.52
N LEU A 48 8.59 -3.16 -7.42
CA LEU A 48 7.52 -2.22 -7.78
C LEU A 48 6.40 -2.86 -8.59
N ALA A 49 6.70 -3.94 -9.30
CA ALA A 49 5.66 -4.76 -9.93
C ALA A 49 4.77 -5.40 -8.86
N TYR A 50 5.40 -5.92 -7.81
CA TYR A 50 4.65 -6.50 -6.69
C TYR A 50 3.81 -5.43 -5.97
N VAL A 51 4.40 -4.27 -5.69
CA VAL A 51 3.67 -3.18 -5.05
C VAL A 51 2.44 -2.76 -5.87
N GLY A 52 2.64 -2.57 -7.17
CA GLY A 52 1.56 -2.16 -8.08
C GLY A 52 0.50 -3.24 -8.32
N ALA A 53 0.87 -4.50 -8.14
CA ALA A 53 -0.02 -5.61 -8.45
C ALA A 53 -1.14 -5.84 -7.41
N VAL A 54 -1.12 -5.06 -6.31
CA VAL A 54 -2.20 -5.13 -5.34
C VAL A 54 -3.48 -4.71 -6.08
N PRO A 55 -4.53 -5.54 -5.99
CA PRO A 55 -5.71 -5.26 -6.81
C PRO A 55 -6.46 -4.00 -6.37
N HIS A 56 -7.21 -3.44 -7.32
CA HIS A 56 -8.10 -2.30 -7.07
C HIS A 56 -7.37 -1.08 -6.51
N ARG A 57 -6.17 -0.83 -7.04
CA ARG A 57 -5.32 0.29 -6.62
C ARG A 57 -5.13 0.32 -5.11
N GLY A 58 -5.00 -0.85 -4.50
CA GLY A 58 -4.81 -0.97 -3.05
C GLY A 58 -3.57 -0.27 -2.51
N ILE A 59 -2.60 -0.03 -3.39
CA ILE A 59 -1.46 0.85 -3.08
C ILE A 59 -1.32 1.86 -4.23
N LYS A 60 -1.37 3.13 -3.88
CA LYS A 60 -1.40 4.22 -4.86
C LYS A 60 -0.08 5.00 -4.90
N GLN A 61 0.49 5.25 -3.72
CA GLN A 61 1.66 6.12 -3.58
C GLN A 61 2.88 5.36 -3.07
N VAL A 62 4.05 5.72 -3.60
CA VAL A 62 5.33 5.23 -3.08
C VAL A 62 6.19 6.42 -2.68
N ARG A 63 6.26 6.67 -1.37
CA ARG A 63 7.03 7.77 -0.83
C ARG A 63 8.51 7.44 -0.88
N THR A 64 9.27 8.17 -1.69
CA THR A 64 10.63 7.79 -2.02
C THR A 64 11.62 8.89 -1.65
N HIS A 65 12.58 8.55 -0.79
CA HIS A 65 13.67 9.45 -0.40
C HIS A 65 14.66 9.68 -1.54
N TRP A 66 15.39 10.79 -1.44
CA TRP A 66 16.57 11.07 -2.27
C TRP A 66 16.29 11.12 -3.77
N LEU A 67 15.06 11.51 -4.15
CA LEU A 67 14.70 11.62 -5.57
C LEU A 67 15.53 12.66 -6.31
N LEU A 68 16.02 13.67 -5.61
CA LEU A 68 16.82 14.71 -6.26
C LEU A 68 18.33 14.41 -6.23
N GLU A 69 18.72 13.21 -5.78
CA GLU A 69 20.03 12.65 -6.10
C GLU A 69 20.00 11.91 -7.45
N LEU A 70 18.81 11.67 -7.99
CA LEU A 70 18.66 11.10 -9.32
C LEU A 70 18.73 12.17 -10.42
N VAL A 71 19.02 13.41 -10.01
CA VAL A 71 19.26 14.53 -10.93
C VAL A 71 20.73 14.93 -10.83
N THR A 72 21.34 15.23 -11.97
CA THR A 72 22.72 15.75 -12.02
C THR A 72 22.74 17.07 -12.78
N THR A 73 23.74 17.90 -12.49
CA THR A 73 23.87 19.21 -13.13
C THR A 73 24.76 19.12 -14.38
N LEU A 81 23.45 26.73 -16.33
CA LEU A 81 23.05 25.80 -15.27
C LEU A 81 21.84 24.96 -15.71
N SER A 82 22.11 23.72 -16.09
CA SER A 82 21.06 22.83 -16.59
C SER A 82 21.15 21.45 -15.93
N TYR A 83 20.02 20.77 -15.85
CA TYR A 83 19.93 19.50 -15.14
C TYR A 83 19.68 18.34 -16.10
N ASN A 84 20.33 17.22 -15.80
CA ASN A 84 20.05 15.96 -16.49
C ASN A 84 19.07 15.15 -15.63
N PHE A 85 17.85 14.98 -16.14
CA PHE A 85 16.77 14.32 -15.42
C PHE A 85 16.63 12.84 -15.74
N THR A 86 17.57 12.27 -16.48
CA THR A 86 17.42 10.92 -17.05
C THR A 86 17.02 9.87 -16.01
N HIS A 87 17.76 9.81 -14.91
CA HIS A 87 17.52 8.79 -13.90
C HIS A 87 16.21 9.00 -13.15
N LEU A 88 15.84 10.26 -12.93
CA LEU A 88 14.55 10.59 -12.34
C LEU A 88 13.41 10.20 -13.29
N ASP A 89 13.58 10.51 -14.58
CA ASP A 89 12.66 10.06 -15.62
C ASP A 89 12.48 8.56 -15.52
N GLY A 90 13.60 7.83 -15.49
CA GLY A 90 13.56 6.37 -15.40
C GLY A 90 12.71 5.87 -14.24
N TYR A 91 12.94 6.43 -13.06
CA TYR A 91 12.24 5.99 -11.87
C TYR A 91 10.76 6.33 -11.92
N LEU A 92 10.43 7.55 -12.36
CA LEU A 92 9.03 7.98 -12.38
C LEU A 92 8.23 7.25 -13.45
N ASP A 93 8.87 6.94 -14.59
CA ASP A 93 8.26 6.09 -15.62
C ASP A 93 8.00 4.69 -15.06
N LEU A 94 8.95 4.17 -14.29
CA LEU A 94 8.80 2.85 -13.67
C LEU A 94 7.60 2.81 -12.73
N LEU A 95 7.42 3.87 -11.94
CA LEU A 95 6.22 3.98 -11.10
C LEU A 95 4.96 4.06 -11.96
N ARG A 96 4.97 4.95 -12.96
N ARG A 96 4.96 4.95 -12.96
CA ARG A 96 3.85 5.14 -13.87
CA ARG A 96 3.79 5.13 -13.85
C ARG A 96 3.41 3.83 -14.53
C ARG A 96 3.40 3.83 -14.55
N GLU A 97 4.40 3.04 -14.97
CA GLU A 97 4.16 1.74 -15.60
C GLU A 97 3.38 0.75 -14.70
N ASN A 98 3.51 0.91 -13.38
CA ASN A 98 2.76 0.14 -12.40
C ASN A 98 1.57 0.91 -11.80
N GLN A 99 1.16 1.99 -12.46
CA GLN A 99 0.09 2.88 -12.00
C GLN A 99 0.29 3.37 -10.57
N LEU A 100 1.53 3.70 -10.24
CA LEU A 100 1.86 4.20 -8.91
C LEU A 100 2.27 5.67 -8.99
N LEU A 101 1.98 6.42 -7.92
CA LEU A 101 2.41 7.81 -7.82
C LEU A 101 3.63 7.93 -6.93
N PRO A 102 4.49 8.92 -7.21
CA PRO A 102 5.57 9.22 -6.28
C PRO A 102 5.07 10.04 -5.10
N GLY A 103 5.46 9.64 -3.89
CA GLY A 103 5.44 10.56 -2.75
C GLY A 103 6.69 11.39 -2.93
N PHE A 104 6.55 12.57 -3.52
CA PHE A 104 7.69 13.28 -4.08
C PHE A 104 8.38 14.17 -3.05
N GLU A 105 9.27 13.57 -2.29
CA GLU A 105 10.06 14.34 -1.35
C GLU A 105 11.12 15.12 -2.13
N LEU A 106 11.14 16.43 -1.93
CA LEU A 106 12.06 17.30 -2.65
C LEU A 106 13.40 17.24 -1.91
N MET A 107 14.09 16.13 -2.11
CA MET A 107 15.16 15.69 -1.23
C MET A 107 16.40 15.29 -2.02
N GLY A 108 17.50 15.99 -1.80
CA GLY A 108 18.78 15.72 -2.47
C GLY A 108 19.54 16.99 -2.81
N SER A 109 20.76 16.80 -3.31
CA SER A 109 21.68 17.91 -3.61
C SER A 109 21.93 18.11 -5.09
N ALA A 110 21.24 17.34 -5.93
CA ALA A 110 21.49 17.31 -7.39
C ALA A 110 22.97 17.06 -7.66
N SER A 111 23.44 15.90 -7.20
CA SER A 111 24.83 15.47 -7.34
C SER A 111 25.84 16.49 -6.82
N GLY A 112 25.56 17.08 -5.66
CA GLY A 112 26.52 17.93 -4.96
C GLY A 112 26.52 19.39 -5.34
N HIS A 113 25.55 19.82 -6.15
CA HIS A 113 25.47 21.24 -6.50
C HIS A 113 25.01 22.07 -5.32
N PHE A 114 23.96 21.62 -4.62
CA PHE A 114 23.40 22.38 -3.50
C PHE A 114 24.12 22.01 -2.20
N THR A 115 24.63 23.04 -1.52
CA THR A 115 25.41 22.87 -0.28
C THR A 115 24.99 23.78 0.88
N ASP A 116 24.21 24.83 0.61
CA ASP A 116 23.95 25.85 1.64
C ASP A 116 22.67 26.64 1.37
N PHE A 117 21.65 26.41 2.18
CA PHE A 117 20.36 27.08 1.97
C PHE A 117 20.22 28.42 2.69
N GLU A 118 21.34 28.95 3.20
CA GLU A 118 21.41 30.37 3.57
C GLU A 118 22.20 31.19 2.55
N ASP A 119 22.75 30.51 1.54
CA ASP A 119 23.31 31.17 0.35
C ASP A 119 22.13 31.54 -0.54
N LYS A 120 21.84 32.83 -0.63
CA LYS A 120 20.65 33.35 -1.31
C LYS A 120 20.51 32.84 -2.75
N GLN A 121 21.62 32.75 -3.48
CA GLN A 121 21.60 32.33 -4.87
C GLN A 121 21.22 30.86 -5.05
N GLN A 122 21.69 30.01 -4.14
CA GLN A 122 21.28 28.61 -4.11
C GLN A 122 19.78 28.45 -3.85
N VAL A 123 19.22 29.30 -2.99
CA VAL A 123 17.80 29.26 -2.70
C VAL A 123 17.00 29.57 -3.98
N PHE A 124 17.46 30.57 -4.74
CA PHE A 124 16.85 30.90 -6.02
C PHE A 124 17.02 29.77 -7.04
N GLU A 125 18.23 29.18 -7.07
CA GLU A 125 18.48 28.03 -7.94
C GLU A 125 17.61 26.82 -7.59
N TRP A 126 17.35 26.61 -6.30
CA TRP A 126 16.50 25.51 -5.85
C TRP A 126 15.06 25.72 -6.33
N LYS A 127 14.56 26.93 -6.17
CA LYS A 127 13.22 27.27 -6.66
C LYS A 127 13.09 26.92 -8.14
N ASP A 128 14.10 27.24 -8.93
CA ASP A 128 14.05 27.00 -10.37
C ASP A 128 14.21 25.54 -10.74
N LEU A 129 15.03 24.81 -9.99
CA LEU A 129 15.10 23.35 -10.12
C LEU A 129 13.71 22.75 -9.93
N VAL A 130 13.02 23.17 -8.87
CA VAL A 130 11.70 22.61 -8.54
C VAL A 130 10.65 22.95 -9.61
N SER A 131 10.58 24.21 -10.03
CA SER A 131 9.65 24.58 -11.09
C SER A 131 10.03 23.89 -12.40
N SER A 132 11.33 23.73 -12.62
CA SER A 132 11.82 23.05 -13.81
C SER A 132 11.42 21.57 -13.81
N LEU A 133 11.59 20.89 -12.68
CA LEU A 133 11.19 19.48 -12.61
C LEU A 133 9.67 19.32 -12.66
N ALA A 134 8.93 20.20 -11.98
CA ALA A 134 7.47 20.12 -11.98
C ALA A 134 6.87 20.33 -13.38
N ARG A 135 7.39 21.32 -14.11
CA ARG A 135 6.99 21.56 -15.51
C ARG A 135 7.34 20.38 -16.41
N ARG A 136 8.53 19.82 -16.21
CA ARG A 136 8.94 18.68 -17.01
C ARG A 136 7.93 17.55 -16.91
N TYR A 137 7.49 17.23 -15.69
CA TYR A 137 6.61 16.08 -15.51
C TYR A 137 5.13 16.40 -15.74
N ILE A 138 4.73 17.65 -15.55
CA ILE A 138 3.45 18.14 -16.07
C ILE A 138 3.39 17.90 -17.58
N GLY A 139 4.48 18.22 -18.27
CA GLY A 139 4.60 17.97 -19.70
C GLY A 139 4.60 16.49 -20.05
N ARG A 140 5.33 15.69 -19.29
CA ARG A 140 5.45 14.26 -19.57
C ARG A 140 4.20 13.44 -19.20
N TYR A 141 3.52 13.83 -18.13
CA TYR A 141 2.39 13.06 -17.62
C TYR A 141 1.03 13.79 -17.60
N GLY A 142 1.04 15.11 -17.80
CA GLY A 142 -0.19 15.91 -17.76
C GLY A 142 -0.43 16.52 -16.38
N LEU A 143 -1.02 17.72 -16.36
CA LEU A 143 -1.25 18.47 -15.13
C LEU A 143 -2.19 17.75 -14.17
N ALA A 144 -3.22 17.12 -14.72
CA ALA A 144 -4.19 16.36 -13.94
C ALA A 144 -3.51 15.30 -13.09
N HIS A 145 -2.53 14.61 -13.69
CA HIS A 145 -1.84 13.54 -13.00
C HIS A 145 -0.88 14.08 -11.93
N VAL A 146 -0.04 15.04 -12.31
CA VAL A 146 0.96 15.59 -11.39
C VAL A 146 0.31 16.35 -10.23
N SER A 147 -0.90 16.89 -10.48
CA SER A 147 -1.69 17.54 -9.43
C SER A 147 -2.10 16.61 -8.29
N LYS A 148 -2.08 15.30 -8.54
CA LYS A 148 -2.35 14.31 -7.49
C LYS A 148 -1.14 14.05 -6.59
N TRP A 149 0.06 14.40 -7.05
CA TRP A 149 1.29 14.06 -6.33
C TRP A 149 1.41 14.82 -5.01
N ASN A 150 1.76 14.09 -3.97
CA ASN A 150 2.07 14.72 -2.70
C ASN A 150 3.54 15.12 -2.68
N PHE A 151 3.82 16.33 -3.16
CA PHE A 151 5.17 16.89 -3.01
C PHE A 151 5.42 17.15 -1.54
N GLU A 152 6.64 16.87 -1.09
CA GLU A 152 6.93 16.92 0.32
C GLU A 152 8.32 17.48 0.57
N THR A 153 8.51 18.03 1.76
CA THR A 153 9.81 18.53 2.15
C THR A 153 10.78 17.38 2.39
N TRP A 154 12.05 17.74 2.47
CA TRP A 154 13.12 16.84 2.89
C TRP A 154 12.68 16.00 4.09
N ASN A 155 12.95 14.70 4.05
CA ASN A 155 12.55 13.78 5.10
C ASN A 155 13.20 14.07 6.46
N GLU A 156 12.42 13.98 7.53
CA GLU A 156 12.90 14.09 8.91
C GLU A 156 13.97 15.17 9.09
N PRO A 157 13.60 16.45 8.91
CA PRO A 157 14.56 17.55 9.03
C PRO A 157 15.24 17.64 10.38
N ASP A 158 14.58 17.21 11.45
CA ASP A 158 15.16 17.25 12.79
C ASP A 158 16.03 16.02 13.14
N HIS A 159 16.22 15.11 12.19
CA HIS A 159 17.12 13.98 12.36
C HIS A 159 18.48 14.17 11.67
N HIS A 160 18.75 15.39 11.21
CA HIS A 160 20.09 15.79 10.73
C HIS A 160 20.66 14.92 9.61
N ASP A 161 19.82 14.52 8.67
CA ASP A 161 20.24 13.65 7.56
C ASP A 161 20.21 14.40 6.23
N PHE A 162 21.18 15.31 6.07
CA PHE A 162 21.32 16.11 4.85
C PHE A 162 22.66 15.84 4.15
N ASP A 163 23.33 14.75 4.56
CA ASP A 163 24.78 14.56 4.38
C ASP A 163 25.60 15.86 4.19
N ASN A 164 25.90 16.24 2.94
CA ASN A 164 26.80 17.39 2.68
C ASN A 164 26.11 18.76 2.64
N VAL A 165 24.79 18.80 2.78
CA VAL A 165 24.05 20.06 2.72
C VAL A 165 23.99 20.71 4.11
N SER A 166 24.24 22.01 4.16
CA SER A 166 24.04 22.79 5.37
C SER A 166 22.59 23.26 5.43
N MET A 167 21.84 22.73 6.38
CA MET A 167 20.43 23.10 6.57
C MET A 167 20.20 23.56 8.01
N THR A 168 20.36 24.85 8.25
CA THR A 168 20.01 25.47 9.52
C THR A 168 18.50 25.67 9.60
N MET A 169 18.03 26.14 10.76
CA MET A 169 16.64 26.50 10.94
C MET A 169 16.22 27.47 9.83
N GLN A 170 16.96 28.56 9.69
CA GLN A 170 16.67 29.55 8.64
C GLN A 170 16.81 28.96 7.24
N GLY A 171 17.82 28.13 7.05
CA GLY A 171 18.01 27.46 5.77
C GLY A 171 16.82 26.62 5.36
N PHE A 172 16.24 25.90 6.32
CA PHE A 172 15.09 25.05 6.08
C PHE A 172 13.90 25.88 5.61
N LEU A 173 13.66 26.99 6.30
CA LEU A 173 12.58 27.89 5.91
C LEU A 173 12.78 28.46 4.50
N ASN A 174 14.01 28.83 4.18
CA ASN A 174 14.37 29.31 2.83
C ASN A 174 14.09 28.22 1.79
N TYR A 175 14.61 27.03 2.08
CA TYR A 175 14.38 25.84 1.28
C TYR A 175 12.88 25.57 1.06
N TYR A 176 12.08 25.67 2.12
CA TYR A 176 10.66 25.43 1.99
C TYR A 176 9.99 26.44 1.05
N ASP A 177 10.36 27.71 1.19
CA ASP A 177 9.80 28.78 0.35
C ASP A 177 10.20 28.59 -1.11
N ALA A 178 11.41 28.11 -1.34
CA ALA A 178 11.87 27.76 -2.69
C ALA A 178 11.06 26.60 -3.26
N CYS A 179 10.80 25.59 -2.43
CA CYS A 179 9.94 24.48 -2.83
C CYS A 179 8.56 25.02 -3.22
N SER A 180 7.99 25.83 -2.33
CA SER A 180 6.63 26.34 -2.49
C SER A 180 6.50 27.22 -3.72
N GLU A 181 7.45 28.16 -3.89
CA GLU A 181 7.42 29.07 -5.05
C GLU A 181 7.77 28.36 -6.34
N GLY A 182 8.68 27.38 -6.27
CA GLY A 182 9.02 26.56 -7.42
C GLY A 182 7.81 25.83 -7.98
N LEU A 183 7.12 25.09 -7.12
CA LEU A 183 5.90 24.38 -7.53
C LEU A 183 4.82 25.36 -7.99
N ARG A 184 4.63 26.44 -7.23
CA ARG A 184 3.65 27.48 -7.57
C ARG A 184 3.85 28.03 -8.99
N ALA A 185 5.10 28.33 -9.35
CA ALA A 185 5.42 28.83 -10.68
C ALA A 185 5.13 27.82 -11.81
N ALA A 186 5.21 26.52 -11.50
CA ALA A 186 4.84 25.49 -12.47
C ALA A 186 3.33 25.45 -12.60
N SER A 187 2.64 25.34 -11.48
CA SER A 187 1.18 25.45 -11.45
C SER A 187 0.66 25.61 -10.02
N PRO A 188 -0.26 26.58 -9.79
CA PRO A 188 -0.90 26.70 -8.48
C PRO A 188 -1.58 25.44 -7.97
N ALA A 189 -1.97 24.55 -8.89
CA ALA A 189 -2.68 23.31 -8.54
C ALA A 189 -1.82 22.29 -7.81
N LEU A 190 -0.49 22.44 -7.87
CA LEU A 190 0.39 21.45 -7.25
C LEU A 190 0.37 21.56 -5.72
N ARG A 191 0.50 20.42 -5.08
CA ARG A 191 0.33 20.28 -3.65
C ARG A 191 1.68 20.09 -2.96
N LEU A 192 1.90 20.84 -1.87
CA LEU A 192 3.15 20.73 -1.08
C LEU A 192 2.82 20.65 0.41
N GLY A 193 3.46 19.72 1.10
CA GLY A 193 3.34 19.60 2.55
C GLY A 193 4.64 19.20 3.21
N GLY A 194 4.60 19.11 4.54
CA GLY A 194 5.77 18.74 5.34
C GLY A 194 5.43 18.84 6.82
N PRO A 195 6.42 18.75 7.71
CA PRO A 195 7.86 18.52 7.52
C PRO A 195 8.27 17.06 7.40
N GLY A 196 7.37 16.13 7.72
CA GLY A 196 7.68 14.71 7.73
C GLY A 196 8.60 14.36 8.89
N ASP A 197 8.16 14.67 10.11
CA ASP A 197 8.93 14.35 11.32
C ASP A 197 8.02 14.15 12.55
N SER A 198 8.63 13.94 13.71
CA SER A 198 7.94 13.46 14.92
C SER A 198 7.11 14.49 15.68
N PHE A 199 7.47 15.77 15.58
CA PHE A 199 6.83 16.82 16.39
C PHE A 199 6.86 16.47 17.89
N HIS A 200 8.03 16.17 18.42
CA HIS A 200 8.18 15.96 19.86
C HIS A 200 8.01 17.28 20.60
N THR A 201 7.77 17.19 21.90
CA THR A 201 7.55 18.36 22.75
C THR A 201 8.73 19.32 22.67
N PRO A 202 8.47 20.61 22.38
CA PRO A 202 9.54 21.62 22.38
C PRO A 202 10.33 21.59 23.70
N PRO A 203 11.67 21.81 23.65
CA PRO A 203 12.50 22.34 22.56
C PRO A 203 12.91 21.33 21.49
N ARG A 204 12.38 20.10 21.54
CA ARG A 204 12.66 19.12 20.50
C ARG A 204 11.91 19.46 19.21
N SER A 205 12.34 18.84 18.11
CA SER A 205 11.75 19.04 16.80
C SER A 205 11.67 20.52 16.41
N PRO A 206 12.78 21.27 16.56
CA PRO A 206 12.71 22.71 16.29
C PRO A 206 12.39 23.07 14.83
N LEU A 207 12.96 22.35 13.86
CA LEU A 207 12.69 22.64 12.44
C LEU A 207 11.22 22.34 12.09
N SER A 208 10.67 21.29 12.68
CA SER A 208 9.28 20.87 12.41
C SER A 208 8.27 21.89 12.94
N TRP A 209 8.43 22.26 14.20
CA TRP A 209 7.61 23.32 14.80
C TRP A 209 7.92 24.66 14.14
N GLY A 210 9.18 24.85 13.76
CA GLY A 210 9.63 26.07 13.07
C GLY A 210 8.98 26.26 11.72
N LEU A 211 8.78 25.17 10.98
CA LEU A 211 8.07 25.23 9.70
C LEU A 211 6.63 25.71 9.89
N LEU A 212 5.93 25.15 10.88
CA LEU A 212 4.54 25.53 11.14
C LEU A 212 4.44 27.00 11.53
N ARG A 213 5.36 27.44 12.39
CA ARG A 213 5.42 28.83 12.82
C ARG A 213 5.70 29.75 11.62
N HIS A 214 6.60 29.33 10.74
CA HIS A 214 6.96 30.06 9.54
C HIS A 214 5.78 30.17 8.57
N CYS A 215 5.16 29.04 8.27
CA CYS A 215 4.01 29.02 7.35
C CYS A 215 2.81 29.78 7.90
N HIS A 216 2.59 29.66 9.21
CA HIS A 216 1.47 30.33 9.89
C HIS A 216 1.73 31.82 10.13
N ASP A 217 2.94 32.16 10.57
CA ASP A 217 3.25 33.50 11.12
C ASP A 217 4.46 34.21 10.54
N GLY A 218 5.21 33.55 9.66
CA GLY A 218 6.47 34.08 9.16
C GLY A 218 6.34 34.88 7.88
N THR A 219 7.44 35.03 7.17
CA THR A 219 7.53 35.85 5.97
C THR A 219 8.09 35.04 4.82
N ASN A 220 7.44 35.13 3.65
CA ASN A 220 7.88 34.44 2.45
C ASN A 220 9.22 35.02 1.97
N PHE A 221 10.25 34.18 1.91
CA PHE A 221 11.58 34.56 1.45
C PHE A 221 11.56 35.37 0.14
N PHE A 222 10.71 34.95 -0.80
CA PHE A 222 10.70 35.54 -2.14
C PHE A 222 9.81 36.77 -2.29
N THR A 223 8.56 36.66 -1.84
CA THR A 223 7.57 37.70 -2.07
C THR A 223 7.45 38.68 -0.91
N GLY A 224 7.92 38.29 0.26
CA GLY A 224 7.80 39.13 1.46
C GLY A 224 6.42 39.17 2.09
N GLU A 225 5.49 38.33 1.62
CA GLU A 225 4.15 38.33 2.18
C GLU A 225 4.10 37.51 3.48
N ALA A 226 3.00 37.69 4.22
CA ALA A 226 2.85 37.07 5.54
C ALA A 226 2.38 35.63 5.41
N GLY A 227 3.08 34.72 6.08
CA GLY A 227 2.78 33.29 6.02
C GLY A 227 3.06 32.67 4.65
N VAL A 228 3.08 31.34 4.61
CA VAL A 228 3.38 30.61 3.37
C VAL A 228 2.49 29.37 3.26
N ARG A 229 2.14 29.03 2.02
CA ARG A 229 1.37 27.83 1.70
C ARG A 229 1.91 26.59 2.42
N LEU A 230 1.00 25.77 2.92
CA LEU A 230 1.31 24.46 3.50
C LEU A 230 0.05 23.61 3.33
N ASP A 231 -0.01 22.82 2.26
CA ASP A 231 -1.26 22.15 1.89
C ASP A 231 -1.62 20.96 2.79
N TYR A 232 -0.61 20.33 3.37
CA TYR A 232 -0.83 19.31 4.38
C TYR A 232 0.34 19.27 5.34
N ILE A 233 0.11 18.71 6.53
CA ILE A 233 1.15 18.52 7.52
C ILE A 233 1.42 17.04 7.65
N SER A 234 2.66 16.63 7.42
CA SER A 234 3.04 15.23 7.54
C SER A 234 3.89 15.01 8.78
N LEU A 235 3.49 14.04 9.58
CA LEU A 235 4.24 13.64 10.76
C LEU A 235 4.67 12.18 10.62
N HIS A 236 5.61 11.78 11.48
CA HIS A 236 6.00 10.38 11.62
C HIS A 236 5.74 10.02 13.08
N ARG A 237 4.87 9.05 13.33
CA ARG A 237 4.79 8.48 14.66
C ARG A 237 4.66 6.97 14.54
N LYS A 238 5.56 6.28 15.23
CA LYS A 238 5.64 4.83 15.18
C LYS A 238 5.22 4.26 16.53
N GLY A 239 4.90 2.98 16.56
CA GLY A 239 4.17 2.40 17.68
C GLY A 239 4.97 1.80 18.82
N ALA A 240 6.28 1.63 18.64
CA ALA A 240 7.09 0.84 19.57
C ALA A 240 6.36 -0.45 19.95
N ARG A 241 5.89 -1.17 18.92
CA ARG A 241 5.21 -2.47 19.05
C ARG A 241 3.73 -2.41 19.50
N SER A 242 3.22 -1.21 19.74
CA SER A 242 1.83 -1.02 20.13
C SER A 242 1.05 -0.40 18.96
N SER A 243 -0.08 -1.01 18.62
CA SER A 243 -0.90 -0.49 17.53
C SER A 243 -1.59 0.82 17.95
N ILE A 244 -2.27 0.79 19.10
CA ILE A 244 -3.05 1.93 19.55
C ILE A 244 -2.18 3.14 19.90
N SER A 245 -0.94 2.88 20.29
CA SER A 245 0.01 3.94 20.58
C SER A 245 0.17 4.93 19.41
N ILE A 246 0.06 4.41 18.18
CA ILE A 246 0.25 5.25 17.00
C ILE A 246 -0.82 6.33 16.97
N LEU A 247 -2.08 5.90 17.12
CA LEU A 247 -3.22 6.80 17.13
C LEU A 247 -3.15 7.78 18.30
N GLU A 248 -2.77 7.27 19.47
CA GLU A 248 -2.69 8.11 20.67
C GLU A 248 -1.69 9.24 20.48
N GLN A 249 -0.51 8.92 19.97
CA GLN A 249 0.50 9.94 19.68
C GLN A 249 0.02 10.95 18.64
N GLU A 250 -0.65 10.47 17.59
CA GLU A 250 -1.19 11.37 16.56
C GLU A 250 -2.18 12.38 17.11
N LYS A 251 -3.09 11.93 17.98
CA LYS A 251 -4.11 12.79 18.58
C LYS A 251 -3.48 13.89 19.45
N VAL A 252 -2.43 13.54 20.19
CA VAL A 252 -1.71 14.52 20.99
C VAL A 252 -1.11 15.60 20.10
N VAL A 253 -0.40 15.18 19.05
CA VAL A 253 0.25 16.12 18.13
C VAL A 253 -0.77 16.95 17.33
N ALA A 254 -1.80 16.29 16.79
CA ALA A 254 -2.85 16.97 16.03
C ALA A 254 -3.58 18.03 16.85
N GLN A 255 -3.79 17.74 18.13
CA GLN A 255 -4.44 18.66 19.05
C GLN A 255 -3.54 19.88 19.28
N GLN A 256 -2.26 19.63 19.56
CA GLN A 256 -1.28 20.71 19.73
C GLN A 256 -1.24 21.63 18.51
N ILE A 257 -1.19 21.04 17.32
CA ILE A 257 -1.19 21.79 16.07
C ILE A 257 -2.44 22.65 15.92
N ARG A 258 -3.61 22.03 16.11
CA ARG A 258 -4.90 22.70 15.99
C ARG A 258 -5.02 23.92 16.92
N GLN A 259 -4.51 23.78 18.13
CA GLN A 259 -4.67 24.79 19.17
C GLN A 259 -3.62 25.89 19.10
N LEU A 260 -2.38 25.52 18.81
CA LEU A 260 -1.28 26.48 18.72
C LEU A 260 -1.22 27.15 17.35
N PHE A 261 -1.74 26.48 16.32
CA PHE A 261 -1.73 27.00 14.96
C PHE A 261 -3.13 26.85 14.35
N PRO A 262 -4.08 27.73 14.76
CA PRO A 262 -5.50 27.57 14.40
C PRO A 262 -5.82 27.67 12.91
N LYS A 263 -4.93 28.24 12.11
CA LYS A 263 -5.10 28.24 10.66
C LYS A 263 -5.04 26.83 10.09
N PHE A 264 -4.37 25.93 10.81
CA PHE A 264 -4.24 24.55 10.35
C PHE A 264 -5.30 23.60 10.91
N ALA A 265 -6.41 24.11 11.42
CA ALA A 265 -7.47 23.28 11.99
C ALA A 265 -8.05 22.28 10.98
N ASP A 266 -8.21 22.70 9.74
CA ASP A 266 -8.69 21.83 8.66
C ASP A 266 -7.59 21.41 7.68
N THR A 267 -6.32 21.56 8.08
CA THR A 267 -5.20 21.17 7.24
C THR A 267 -5.00 19.67 7.36
N PRO A 268 -5.11 18.93 6.23
CA PRO A 268 -4.99 17.48 6.32
C PRO A 268 -3.67 17.03 6.96
N ILE A 269 -3.77 16.01 7.80
CA ILE A 269 -2.64 15.45 8.51
C ILE A 269 -2.35 14.10 7.89
N TYR A 270 -1.08 13.87 7.57
CA TYR A 270 -0.61 12.58 7.10
C TYR A 270 0.29 12.02 8.19
N ASN A 271 0.16 10.72 8.47
CA ASN A 271 1.25 10.00 9.12
C ASN A 271 1.88 9.12 8.06
N ASP A 272 2.91 9.62 7.38
CA ASP A 272 3.48 8.86 6.27
C ASP A 272 4.66 7.95 6.62
N GLU A 273 4.85 7.70 7.92
CA GLU A 273 5.64 6.56 8.41
C GLU A 273 5.02 6.02 9.70
N ALA A 274 3.85 5.40 9.56
CA ALA A 274 3.03 4.99 10.68
C ALA A 274 3.26 3.53 11.04
N ASP A 275 4.51 3.16 11.28
CA ASP A 275 4.91 1.76 11.42
C ASP A 275 4.81 1.27 12.85
N PRO A 276 4.51 -0.03 13.02
CA PRO A 276 4.56 -0.65 14.35
C PRO A 276 5.86 -0.36 15.14
N LEU A 277 7.00 -0.39 14.46
CA LEU A 277 8.29 -0.23 15.12
C LEU A 277 9.31 0.47 14.22
N VAL A 278 10.00 1.46 14.79
CA VAL A 278 11.10 2.15 14.11
C VAL A 278 12.23 1.18 13.75
N GLY A 279 12.90 1.42 12.63
CA GLY A 279 14.05 0.61 12.21
C GLY A 279 13.66 -0.51 11.26
N TRP A 280 13.52 -0.18 9.98
CA TRP A 280 12.98 -1.11 8.99
C TRP A 280 13.85 -2.38 8.85
N SER A 281 15.16 -2.24 9.04
CA SER A 281 16.11 -3.32 8.76
C SER A 281 16.32 -4.26 9.95
N LEU A 282 15.85 -3.85 11.12
CA LEU A 282 15.91 -4.70 12.31
C LEU A 282 15.09 -5.96 12.08
N PRO A 283 15.74 -7.14 12.12
CA PRO A 283 14.98 -8.36 11.90
C PRO A 283 14.03 -8.68 13.05
N GLN A 284 12.77 -8.95 12.72
CA GLN A 284 11.74 -9.29 13.69
C GLN A 284 10.93 -10.45 13.12
N PRO A 285 10.87 -11.59 13.83
CA PRO A 285 10.08 -12.72 13.33
C PRO A 285 8.64 -12.34 12.93
N TRP A 286 8.01 -11.47 13.72
CA TRP A 286 6.63 -11.06 13.47
C TRP A 286 6.44 -10.25 12.18
N ARG A 287 7.51 -9.64 11.67
CA ARG A 287 7.44 -8.93 10.39
C ARG A 287 7.39 -9.87 9.19
N ALA A 288 7.71 -11.15 9.42
CA ALA A 288 7.79 -12.14 8.35
C ALA A 288 6.45 -12.62 7.81
N ASP A 289 5.38 -12.46 8.58
CA ASP A 289 4.15 -13.22 8.33
C ASP A 289 2.84 -12.50 8.67
N VAL A 290 1.81 -13.25 9.07
CA VAL A 290 0.46 -12.67 9.23
C VAL A 290 0.37 -11.82 10.51
N THR A 291 1.34 -11.97 11.41
CA THR A 291 1.40 -11.13 12.60
C THR A 291 1.46 -9.66 12.17
N TYR A 292 2.44 -9.33 11.33
CA TYR A 292 2.57 -7.97 10.82
C TYR A 292 1.35 -7.56 10.00
N ALA A 293 0.88 -8.47 9.15
CA ALA A 293 -0.29 -8.21 8.28
C ALA A 293 -1.53 -7.87 9.08
N ALA A 294 -1.83 -8.71 10.08
CA ALA A 294 -3.01 -8.51 10.91
C ALA A 294 -2.94 -7.20 11.70
N MET A 295 -1.73 -6.88 12.18
CA MET A 295 -1.50 -5.66 12.94
C MET A 295 -1.70 -4.42 12.07
N VAL A 296 -1.24 -4.48 10.83
CA VAL A 296 -1.44 -3.38 9.88
C VAL A 296 -2.94 -3.08 9.70
N VAL A 297 -3.73 -4.14 9.52
CA VAL A 297 -5.18 -4.01 9.43
C VAL A 297 -5.76 -3.43 10.72
N LYS A 298 -5.28 -3.93 11.85
CA LYS A 298 -5.72 -3.46 13.16
C LYS A 298 -5.47 -1.95 13.35
N VAL A 299 -4.26 -1.50 12.98
CA VAL A 299 -3.93 -0.07 13.03
C VAL A 299 -4.93 0.73 12.20
N ILE A 300 -5.19 0.26 10.98
CA ILE A 300 -6.11 0.95 10.09
C ILE A 300 -7.53 0.96 10.67
N ALA A 301 -7.97 -0.19 11.18
CA ALA A 301 -9.29 -0.29 11.80
C ALA A 301 -9.44 0.68 12.97
N GLN A 302 -8.39 0.80 13.79
CA GLN A 302 -8.41 1.75 14.90
C GLN A 302 -8.58 3.19 14.42
N HIS A 303 -7.90 3.54 13.33
CA HIS A 303 -8.01 4.89 12.78
C HIS A 303 -9.38 5.15 12.19
N GLN A 304 -9.92 4.19 11.44
CA GLN A 304 -11.27 4.36 10.90
C GLN A 304 -12.28 4.48 12.02
N ASN A 305 -12.24 3.54 12.96
CA ASN A 305 -13.30 3.39 13.97
C ASN A 305 -13.19 4.33 15.16
N LEU A 306 -11.98 4.65 15.60
CA LEU A 306 -11.78 5.48 16.78
C LEU A 306 -11.43 6.94 16.47
N LEU A 307 -11.37 7.29 15.18
CA LEU A 307 -11.02 8.65 14.77
C LEU A 307 -11.90 9.17 13.63
N LEU A 308 -11.96 8.43 12.52
CA LEU A 308 -12.68 8.88 11.32
C LEU A 308 -14.19 8.58 11.30
N ALA A 309 -14.64 7.60 12.08
CA ALA A 309 -16.03 7.15 12.01
C ALA A 309 -17.01 8.22 12.47
N ALA A 314 -12.59 13.98 15.72
CA ALA A 314 -12.35 14.48 14.37
C ALA A 314 -11.27 15.55 14.31
N PHE A 315 -10.10 15.15 13.82
CA PHE A 315 -9.18 16.09 13.16
C PHE A 315 -8.96 15.54 11.75
N PRO A 316 -8.49 16.38 10.82
CA PRO A 316 -8.50 15.99 9.40
C PRO A 316 -7.38 15.02 9.02
N TYR A 317 -7.42 13.83 9.59
CA TYR A 317 -6.46 12.78 9.28
C TYR A 317 -6.80 12.23 7.91
N ALA A 318 -5.85 12.29 6.98
CA ALA A 318 -6.14 12.03 5.55
C ALA A 318 -5.31 10.92 4.90
N LEU A 319 -4.19 10.54 5.51
CA LEU A 319 -3.31 9.54 4.91
C LEU A 319 -2.48 8.80 5.96
N LEU A 320 -2.37 7.48 5.80
CA LEU A 320 -1.54 6.62 6.63
C LEU A 320 -0.68 5.77 5.71
N SER A 321 0.63 5.83 5.89
CA SER A 321 1.56 5.07 5.06
C SER A 321 2.46 4.17 5.90
N ASN A 322 2.44 2.89 5.55
CA ASN A 322 3.39 1.93 6.10
C ASN A 322 4.62 1.97 5.22
N ASP A 323 5.75 2.31 5.82
CA ASP A 323 6.99 2.56 5.08
C ASP A 323 7.73 1.24 4.87
N ASN A 324 7.19 0.39 3.98
CA ASN A 324 7.63 -1.00 3.88
C ASN A 324 7.89 -1.50 2.45
N ALA A 325 8.25 -0.60 1.55
CA ALA A 325 8.60 -0.99 0.18
C ALA A 325 10.10 -1.25 0.02
N PHE A 326 10.82 -1.34 1.13
CA PHE A 326 12.25 -1.68 1.13
C PHE A 326 12.45 -3.10 0.60
N LEU A 327 13.62 -3.34 0.02
CA LEU A 327 14.06 -4.68 -0.33
C LEU A 327 14.85 -5.27 0.83
N SER A 328 14.60 -6.54 1.13
CA SER A 328 15.28 -7.21 2.23
C SER A 328 16.69 -7.68 1.87
N TYR A 329 17.50 -7.86 2.90
CA TYR A 329 18.89 -8.31 2.77
C TYR A 329 19.09 -9.64 3.45
N HIS A 330 20.01 -10.44 2.91
CA HIS A 330 20.51 -11.65 3.56
C HIS A 330 21.18 -11.23 4.87
N PRO A 331 20.96 -11.99 5.96
CA PRO A 331 20.24 -13.26 6.10
C PRO A 331 18.78 -13.13 6.55
N HIS A 332 18.12 -12.04 6.19
CA HIS A 332 16.76 -11.74 6.67
C HIS A 332 15.78 -11.53 5.52
N PRO A 333 15.59 -12.55 4.67
CA PRO A 333 14.65 -12.36 3.55
C PRO A 333 13.23 -11.97 3.98
N PHE A 334 12.73 -12.59 5.06
CA PHE A 334 11.36 -12.38 5.51
C PHE A 334 11.19 -11.42 6.69
N ALA A 335 12.20 -11.31 7.55
CA ALA A 335 12.04 -10.68 8.87
C ALA A 335 12.20 -9.16 8.91
N GLN A 336 12.45 -8.51 7.79
CA GLN A 336 12.56 -7.05 7.77
C GLN A 336 11.23 -6.41 7.38
N ARG A 337 11.09 -5.10 7.59
CA ARG A 337 9.81 -4.42 7.33
C ARG A 337 9.64 -4.16 5.83
N THR A 338 9.28 -5.22 5.12
CA THR A 338 9.18 -5.22 3.67
C THR A 338 7.87 -5.87 3.21
N LEU A 339 7.36 -5.42 2.07
CA LEU A 339 6.20 -6.04 1.44
C LEU A 339 6.58 -7.35 0.71
N THR A 340 7.81 -7.41 0.21
CA THR A 340 8.31 -8.63 -0.45
C THR A 340 9.48 -9.25 0.31
N ALA A 341 9.68 -10.54 0.12
CA ALA A 341 10.86 -11.23 0.61
C ALA A 341 11.79 -11.49 -0.56
N ARG A 342 12.99 -10.89 -0.52
CA ARG A 342 13.94 -11.06 -1.62
C ARG A 342 14.89 -12.24 -1.40
N PHE A 343 15.07 -13.02 -2.47
CA PHE A 343 16.06 -14.07 -2.50
C PHE A 343 17.00 -13.79 -3.68
N GLN A 344 18.24 -13.45 -3.36
CA GLN A 344 19.28 -13.31 -4.36
C GLN A 344 19.89 -14.70 -4.54
N VAL A 345 19.51 -15.34 -5.65
CA VAL A 345 19.93 -16.70 -5.97
C VAL A 345 21.25 -16.64 -6.76
N ASN A 346 22.35 -16.84 -6.04
CA ASN A 346 23.68 -16.64 -6.60
C ASN A 346 24.31 -17.88 -7.21
N ASN A 347 23.73 -19.05 -6.99
CA ASN A 347 24.28 -20.30 -7.53
C ASN A 347 23.69 -20.71 -8.91
N THR A 348 22.94 -19.82 -9.56
CA THR A 348 22.46 -20.09 -10.92
C THR A 348 23.34 -19.35 -11.91
N ARG A 349 23.17 -19.71 -13.19
CA ARG A 349 23.88 -19.09 -14.29
C ARG A 349 22.92 -18.45 -15.29
N PRO A 350 22.79 -17.12 -15.29
CA PRO A 350 23.42 -16.16 -14.40
C PRO A 350 22.77 -16.17 -13.02
N PRO A 351 23.40 -15.49 -12.03
CA PRO A 351 22.69 -15.23 -10.78
C PRO A 351 21.37 -14.51 -11.08
N HIS A 352 20.36 -14.72 -10.26
CA HIS A 352 19.09 -14.07 -10.47
C HIS A 352 18.42 -13.74 -9.16
N VAL A 353 17.36 -12.95 -9.25
CA VAL A 353 16.61 -12.50 -8.08
C VAL A 353 15.20 -13.07 -8.13
N GLN A 354 14.70 -13.46 -6.95
CA GLN A 354 13.32 -13.93 -6.79
C GLN A 354 12.70 -13.15 -5.65
N LEU A 355 11.45 -12.70 -5.84
CA LEU A 355 10.69 -12.07 -4.76
C LEU A 355 9.48 -12.92 -4.40
N LEU A 356 9.21 -12.99 -3.10
CA LEU A 356 7.97 -13.57 -2.61
C LEU A 356 7.11 -12.49 -1.98
N ARG A 357 5.81 -12.65 -2.18
CA ARG A 357 4.80 -11.78 -1.62
C ARG A 357 4.54 -12.18 -0.18
N LYS A 358 4.79 -11.26 0.74
CA LYS A 358 4.61 -11.52 2.16
C LYS A 358 3.17 -11.22 2.55
N PRO A 359 2.68 -11.82 3.67
CA PRO A 359 1.28 -11.64 4.04
C PRO A 359 0.84 -10.19 4.20
N VAL A 360 1.75 -9.31 4.64
CA VAL A 360 1.43 -7.91 4.75
C VAL A 360 0.99 -7.35 3.39
N LEU A 361 1.68 -7.73 2.32
CA LEU A 361 1.30 -7.30 0.97
C LEU A 361 -0.02 -7.93 0.53
N THR A 362 -0.21 -9.20 0.86
CA THR A 362 -1.48 -9.87 0.58
C THR A 362 -2.64 -9.19 1.30
N ALA A 363 -2.41 -8.81 2.56
CA ALA A 363 -3.43 -8.10 3.35
C ALA A 363 -3.87 -6.77 2.73
N MET A 364 -2.97 -6.10 2.03
CA MET A 364 -3.32 -4.84 1.38
C MET A 364 -4.36 -5.07 0.27
N GLY A 365 -4.30 -6.25 -0.35
CA GLY A 365 -5.31 -6.66 -1.32
C GLY A 365 -6.68 -6.90 -0.70
N LEU A 366 -6.70 -7.39 0.53
CA LEU A 366 -7.94 -7.61 1.27
C LEU A 366 -8.57 -6.29 1.70
N LEU A 367 -7.72 -5.39 2.20
CA LEU A 367 -8.13 -4.01 2.50
C LEU A 367 -8.68 -3.29 1.27
N ALA A 368 -8.10 -3.59 0.09
CA ALA A 368 -8.52 -2.95 -1.14
C ALA A 368 -9.96 -3.29 -1.54
N LEU A 369 -10.50 -4.41 -1.04
CA LEU A 369 -11.88 -4.80 -1.31
C LEU A 369 -12.90 -3.99 -0.53
N LEU A 370 -12.47 -3.27 0.51
CA LEU A 370 -13.38 -2.39 1.25
C LEU A 370 -13.94 -1.33 0.32
N ASP A 371 -15.23 -1.08 0.44
CA ASP A 371 -15.93 -0.15 -0.45
C ASP A 371 -16.27 1.17 0.26
N GLU A 372 -16.95 2.06 -0.45
CA GLU A 372 -16.95 3.49 -0.11
C GLU A 372 -17.76 3.91 1.11
N GLU A 373 -18.60 3.03 1.64
CA GLU A 373 -19.45 3.38 2.79
C GLU A 373 -19.30 2.40 3.93
N GLN A 374 -19.07 2.92 5.13
CA GLN A 374 -18.88 2.08 6.30
C GLN A 374 -20.22 1.63 6.85
N LEU A 375 -20.30 0.34 7.20
CA LEU A 375 -21.50 -0.23 7.79
C LEU A 375 -21.37 -0.27 9.31
N TRP A 376 -22.50 -0.23 9.99
CA TRP A 376 -22.53 -0.44 11.43
C TRP A 376 -22.03 -1.86 11.73
N ALA A 377 -21.11 -1.94 12.69
CA ALA A 377 -20.66 -3.22 13.22
C ALA A 377 -20.38 -3.12 14.71
N GLU A 378 -20.44 -4.25 15.41
CA GLU A 378 -20.18 -4.29 16.85
C GLU A 378 -19.52 -5.61 17.22
N VAL A 379 -18.36 -5.51 17.85
CA VAL A 379 -17.67 -6.66 18.43
C VAL A 379 -17.97 -6.69 19.92
N SER A 380 -18.34 -7.86 20.43
CA SER A 380 -18.59 -8.03 21.86
C SER A 380 -18.09 -9.39 22.36
N GLN A 381 -17.85 -9.46 23.67
CA GLN A 381 -17.48 -10.69 24.35
C GLN A 381 -18.19 -10.74 25.70
N ALA A 382 -18.93 -11.83 25.94
CA ALA A 382 -19.69 -12.00 27.17
C ALA A 382 -20.52 -10.75 27.51
N GLY A 383 -21.09 -10.13 26.47
CA GLY A 383 -21.92 -8.95 26.63
C GLY A 383 -21.20 -7.62 26.74
N THR A 384 -19.87 -7.63 26.81
CA THR A 384 -19.11 -6.39 26.83
C THR A 384 -18.70 -5.99 25.42
N VAL A 385 -19.06 -4.78 25.02
CA VAL A 385 -18.70 -4.24 23.72
C VAL A 385 -17.22 -3.91 23.72
N LEU A 386 -16.50 -4.40 22.70
CA LEU A 386 -15.07 -4.14 22.55
C LEU A 386 -14.84 -3.28 21.30
N ASP A 387 -14.22 -2.12 21.48
CA ASP A 387 -13.84 -1.29 20.34
C ASP A 387 -12.55 -1.84 19.70
N SER A 388 -12.05 -1.17 18.68
CA SER A 388 -10.87 -1.68 17.95
C SER A 388 -9.56 -1.69 18.76
N ASN A 389 -9.57 -1.07 19.94
CA ASN A 389 -8.45 -1.15 20.88
C ASN A 389 -8.43 -2.51 21.61
N HIS A 390 -8.58 -3.59 20.84
CA HIS A 390 -8.67 -4.95 21.37
C HIS A 390 -8.18 -5.94 20.31
N THR A 391 -7.96 -7.18 20.71
CA THR A 391 -7.30 -8.15 19.84
C THR A 391 -8.19 -8.59 18.66
N VAL A 392 -9.49 -8.47 18.80
CA VAL A 392 -10.42 -8.80 17.72
C VAL A 392 -11.23 -7.57 17.34
N GLY A 393 -11.25 -7.25 16.05
CA GLY A 393 -12.04 -6.13 15.56
C GLY A 393 -12.49 -6.34 14.14
N VAL A 394 -13.20 -5.35 13.59
CA VAL A 394 -13.84 -5.50 12.30
C VAL A 394 -13.95 -4.17 11.57
N LEU A 395 -13.82 -4.22 10.24
CA LEU A 395 -14.25 -3.14 9.37
C LEU A 395 -15.23 -3.70 8.36
N ALA A 396 -16.43 -3.11 8.33
CA ALA A 396 -17.49 -3.53 7.42
C ALA A 396 -17.81 -2.37 6.48
N SER A 397 -18.06 -2.70 5.22
CA SER A 397 -18.34 -1.70 4.21
C SER A 397 -19.35 -2.21 3.19
N ALA A 398 -19.93 -1.28 2.44
CA ALA A 398 -20.90 -1.57 1.39
C ALA A 398 -20.67 -0.66 0.17
N HIS A 399 -21.08 -1.14 -0.98
CA HIS A 399 -20.94 -0.43 -2.24
C HIS A 399 -22.30 -0.18 -2.86
N ARG A 400 -22.57 1.07 -3.19
CA ARG A 400 -23.76 1.42 -3.95
C ARG A 400 -23.43 1.29 -5.44
N PRO A 401 -24.18 0.45 -6.16
CA PRO A 401 -23.86 0.21 -7.57
C PRO A 401 -24.20 1.39 -8.47
N GLN A 402 -23.57 1.43 -9.64
CA GLN A 402 -23.83 2.47 -10.65
C GLN A 402 -24.43 1.87 -11.94
N GLY A 403 -23.61 1.28 -12.79
CA GLY A 403 -24.05 0.90 -14.14
C GLY A 403 -24.53 -0.53 -14.24
N PRO A 404 -24.75 -1.02 -15.48
CA PRO A 404 -25.09 -2.42 -15.73
C PRO A 404 -23.93 -3.40 -15.50
N ALA A 405 -22.71 -2.88 -15.37
CA ALA A 405 -21.53 -3.68 -15.04
C ALA A 405 -21.19 -3.60 -13.55
N ASP A 406 -22.17 -3.24 -12.73
CA ASP A 406 -21.97 -3.06 -11.29
C ASP A 406 -23.18 -3.59 -10.52
N ALA A 407 -22.97 -3.89 -9.24
CA ALA A 407 -24.04 -4.33 -8.35
C ALA A 407 -23.65 -4.15 -6.88
N TRP A 408 -24.63 -4.29 -5.99
CA TRP A 408 -24.43 -4.13 -4.56
C TRP A 408 -23.33 -5.09 -4.06
N ARG A 409 -22.50 -4.58 -3.16
CA ARG A 409 -21.47 -5.39 -2.51
C ARG A 409 -21.35 -5.01 -1.05
N ALA A 410 -20.91 -5.97 -0.23
CA ALA A 410 -20.46 -5.66 1.10
C ALA A 410 -19.15 -6.39 1.34
N ALA A 411 -18.24 -5.76 2.06
CA ALA A 411 -16.98 -6.38 2.45
C ALA A 411 -16.81 -6.24 3.94
N VAL A 412 -16.59 -7.36 4.61
CA VAL A 412 -16.37 -7.38 6.05
C VAL A 412 -15.00 -7.98 6.31
N LEU A 413 -14.14 -7.21 6.97
CA LEU A 413 -12.79 -7.64 7.27
C LEU A 413 -12.64 -7.74 8.79
N ILE A 414 -12.41 -8.95 9.26
CA ILE A 414 -12.23 -9.21 10.69
C ILE A 414 -10.77 -9.53 10.94
N TYR A 415 -10.17 -8.88 11.93
CA TYR A 415 -8.80 -9.18 12.31
C TYR A 415 -8.76 -9.82 13.70
N ALA A 416 -7.80 -10.72 13.89
CA ALA A 416 -7.40 -11.17 15.21
C ALA A 416 -5.93 -10.88 15.31
N SER A 417 -5.57 -9.93 16.17
CA SER A 417 -4.19 -9.46 16.25
C SER A 417 -3.84 -8.98 17.65
N ASP A 418 -2.76 -9.54 18.20
CA ASP A 418 -2.21 -9.06 19.46
C ASP A 418 -0.95 -8.25 19.16
N ASP A 419 -1.09 -7.32 18.22
CA ASP A 419 0.02 -6.47 17.78
C ASP A 419 1.21 -7.33 17.32
N THR A 420 2.38 -7.24 17.95
CA THR A 420 3.56 -7.96 17.46
C THR A 420 3.69 -9.39 18.00
N ARG A 421 2.81 -9.76 18.92
CA ARG A 421 2.86 -11.10 19.52
C ARG A 421 1.96 -12.08 18.77
N ALA A 422 2.57 -13.12 18.21
CA ALA A 422 1.82 -14.25 17.66
C ALA A 422 1.51 -15.22 18.78
N HIS A 423 0.39 -15.94 18.65
CA HIS A 423 0.00 -16.93 19.63
C HIS A 423 -0.43 -18.21 18.93
N PRO A 424 0.55 -18.97 18.40
CA PRO A 424 0.24 -20.14 17.58
C PRO A 424 -0.58 -21.23 18.29
N ASN A 425 -0.48 -21.30 19.61
CA ASN A 425 -1.16 -22.32 20.41
C ASN A 425 -2.51 -21.85 20.94
N ARG A 426 -3.26 -21.09 20.14
CA ARG A 426 -4.54 -20.52 20.56
C ARG A 426 -5.53 -20.50 19.41
N SER A 427 -6.80 -20.74 19.73
CA SER A 427 -7.88 -20.51 18.79
C SER A 427 -8.77 -19.41 19.33
N VAL A 428 -9.42 -18.67 18.43
CA VAL A 428 -10.34 -17.61 18.79
C VAL A 428 -11.68 -17.94 18.15
N ALA A 429 -12.62 -18.42 18.96
CA ALA A 429 -13.95 -18.74 18.47
C ALA A 429 -14.69 -17.45 18.23
N VAL A 430 -15.16 -17.25 17.00
CA VAL A 430 -15.90 -16.06 16.62
C VAL A 430 -17.27 -16.45 16.08
N THR A 431 -18.27 -15.63 16.36
CA THR A 431 -19.57 -15.77 15.70
C THR A 431 -19.84 -14.48 14.95
N LEU A 432 -19.96 -14.60 13.63
CA LEU A 432 -20.31 -13.48 12.78
C LEU A 432 -21.80 -13.54 12.49
N ARG A 433 -22.52 -12.49 12.86
N ARG A 433 -22.51 -12.47 12.85
CA ARG A 433 -23.93 -12.35 12.50
CA ARG A 433 -23.92 -12.32 12.52
C ARG A 433 -24.10 -11.14 11.58
C ARG A 433 -24.08 -11.13 11.57
N LEU A 434 -24.36 -11.42 10.31
CA LEU A 434 -24.62 -10.41 9.29
C LEU A 434 -26.12 -10.37 9.02
N ARG A 435 -26.67 -9.17 8.95
N ARG A 435 -26.67 -9.17 8.96
CA ARG A 435 -28.07 -9.00 8.58
CA ARG A 435 -28.09 -8.97 8.64
C ARG A 435 -28.26 -7.67 7.87
C ARG A 435 -28.25 -7.68 7.85
N GLY A 436 -29.46 -7.45 7.35
CA GLY A 436 -29.79 -6.23 6.63
C GLY A 436 -29.25 -6.16 5.21
N VAL A 437 -28.87 -7.30 4.63
CA VAL A 437 -28.44 -7.33 3.25
C VAL A 437 -29.69 -7.15 2.38
N PRO A 438 -29.70 -6.10 1.53
CA PRO A 438 -30.89 -5.83 0.72
C PRO A 438 -31.11 -6.88 -0.36
N PRO A 439 -32.35 -7.01 -0.88
CA PRO A 439 -32.57 -7.97 -1.95
C PRO A 439 -31.76 -7.63 -3.18
N GLY A 440 -31.22 -8.64 -3.84
CA GLY A 440 -30.50 -8.44 -5.09
C GLY A 440 -30.45 -9.71 -5.91
N PRO A 441 -30.07 -9.58 -7.20
CA PRO A 441 -29.91 -10.77 -8.04
C PRO A 441 -28.65 -11.57 -7.70
N GLY A 442 -28.79 -12.89 -7.69
CA GLY A 442 -27.66 -13.81 -7.54
C GLY A 442 -26.70 -13.52 -6.41
N LEU A 443 -27.22 -13.16 -5.24
CA LEU A 443 -26.39 -12.86 -4.09
C LEU A 443 -25.54 -14.05 -3.66
N VAL A 444 -24.22 -13.86 -3.60
CA VAL A 444 -23.30 -14.88 -3.15
C VAL A 444 -22.35 -14.31 -2.10
N TYR A 445 -21.73 -15.20 -1.33
CA TYR A 445 -20.67 -14.80 -0.40
C TYR A 445 -19.44 -15.68 -0.59
N VAL A 446 -18.28 -15.05 -0.39
CA VAL A 446 -16.97 -15.68 -0.56
C VAL A 446 -16.14 -15.28 0.64
N THR A 447 -15.55 -16.27 1.31
CA THR A 447 -14.68 -16.01 2.45
C THR A 447 -13.25 -16.17 2.00
N ARG A 448 -12.39 -15.28 2.50
CA ARG A 448 -10.96 -15.40 2.28
C ARG A 448 -10.28 -15.33 3.64
N TYR A 449 -9.42 -16.30 3.92
CA TYR A 449 -8.86 -16.45 5.25
C TYR A 449 -7.33 -16.49 5.20
N LEU A 450 -6.70 -15.84 6.18
CA LEU A 450 -5.25 -15.71 6.23
C LEU A 450 -4.73 -15.99 7.63
N ASP A 451 -3.80 -16.94 7.76
CA ASP A 451 -3.10 -17.17 9.03
C ASP A 451 -1.72 -17.79 8.83
N ASN A 452 -0.95 -17.91 9.91
CA ASN A 452 0.43 -18.37 9.82
C ASN A 452 0.58 -19.84 9.49
N GLY A 453 -0.42 -20.65 9.83
CA GLY A 453 -0.39 -22.09 9.55
C GLY A 453 -0.58 -22.42 8.08
N LEU A 454 -1.43 -21.65 7.40
CA LEU A 454 -1.80 -21.94 6.01
C LEU A 454 -1.22 -20.96 4.99
N CYS A 455 -0.96 -19.72 5.41
CA CYS A 455 -0.63 -18.67 4.45
C CYS A 455 0.66 -17.91 4.78
N SER A 456 1.69 -18.63 5.17
CA SER A 456 2.99 -18.03 5.45
C SER A 456 4.11 -18.63 4.60
N PRO A 457 4.53 -17.92 3.55
CA PRO A 457 5.73 -18.31 2.82
C PRO A 457 6.97 -18.42 3.71
N ASP A 458 7.08 -17.57 4.73
CA ASP A 458 8.14 -17.71 5.72
C ASP A 458 8.01 -19.05 6.45
N GLY A 459 6.79 -19.41 6.82
CA GLY A 459 6.49 -20.69 7.45
C GLY A 459 6.92 -21.90 6.62
N GLU A 460 6.69 -21.83 5.31
N GLU A 460 6.70 -21.84 5.31
CA GLU A 460 7.13 -22.87 4.39
CA GLU A 460 7.13 -22.89 4.40
C GLU A 460 8.65 -22.88 4.27
C GLU A 460 8.65 -22.88 4.26
N TRP A 461 9.25 -21.69 4.24
CA TRP A 461 10.70 -21.56 4.18
C TRP A 461 11.37 -22.23 5.38
N ARG A 462 10.85 -21.98 6.58
CA ARG A 462 11.35 -22.61 7.81
C ARG A 462 11.17 -24.13 7.76
N ARG A 463 9.99 -24.56 7.38
CA ARG A 463 9.70 -25.98 7.23
C ARG A 463 10.67 -26.66 6.25
N LEU A 464 11.15 -25.91 5.26
CA LEU A 464 12.16 -26.43 4.32
C LEU A 464 13.60 -26.40 4.85
N GLY A 465 13.80 -25.90 6.06
CA GLY A 465 15.14 -25.78 6.65
C GLY A 465 15.82 -24.46 6.32
N ARG A 466 15.03 -23.45 5.95
CA ARG A 466 15.54 -22.12 5.61
C ARG A 466 16.71 -22.14 4.62
N PRO A 467 16.52 -22.78 3.46
CA PRO A 467 17.60 -22.80 2.46
C PRO A 467 18.02 -21.40 2.02
N VAL A 468 19.33 -21.20 1.88
CA VAL A 468 19.91 -19.89 1.54
C VAL A 468 19.67 -19.58 0.06
N PHE A 469 19.82 -20.62 -0.77
CA PHE A 469 19.52 -20.52 -2.19
C PHE A 469 18.45 -21.56 -2.50
N PRO A 470 17.18 -21.21 -2.31
CA PRO A 470 16.13 -22.21 -2.55
C PRO A 470 16.14 -22.69 -4.00
N THR A 471 15.82 -23.98 -4.18
CA THR A 471 15.68 -24.57 -5.49
C THR A 471 14.38 -24.08 -6.11
N ALA A 472 14.22 -24.31 -7.40
CA ALA A 472 12.98 -23.93 -8.09
C ALA A 472 11.75 -24.58 -7.44
N GLU A 473 11.90 -25.83 -6.97
CA GLU A 473 10.78 -26.55 -6.37
C GLU A 473 10.46 -25.98 -5.00
N GLN A 474 11.48 -25.59 -4.26
CA GLN A 474 11.30 -24.95 -2.98
C GLN A 474 10.56 -23.61 -3.10
N PHE A 475 10.91 -22.82 -4.11
CA PHE A 475 10.18 -21.56 -4.38
C PHE A 475 8.69 -21.80 -4.65
N ARG A 476 8.37 -22.84 -5.42
CA ARG A 476 6.98 -23.17 -5.72
C ARG A 476 6.19 -23.46 -4.43
N ARG A 477 6.77 -24.25 -3.52
CA ARG A 477 6.10 -24.54 -2.24
C ARG A 477 5.90 -23.25 -1.45
N MET A 478 6.94 -22.43 -1.40
CA MET A 478 6.85 -21.15 -0.70
C MET A 478 5.77 -20.24 -1.31
N ARG A 479 5.72 -20.17 -2.64
CA ARG A 479 4.74 -19.32 -3.31
C ARG A 479 3.31 -19.82 -3.17
N ALA A 480 3.14 -21.11 -2.92
CA ALA A 480 1.82 -21.71 -2.72
C ALA A 480 1.12 -21.24 -1.43
N ALA A 481 1.87 -20.60 -0.54
CA ALA A 481 1.30 -20.07 0.71
C ALA A 481 1.02 -18.57 0.66
N GLU A 482 1.17 -17.93 -0.51
CA GLU A 482 1.02 -16.47 -0.63
C GLU A 482 -0.43 -16.00 -0.50
N ASP A 483 -1.33 -16.71 -1.18
CA ASP A 483 -2.73 -16.31 -1.24
C ASP A 483 -3.52 -16.79 -0.04
N PRO A 484 -4.62 -16.08 0.29
CA PRO A 484 -5.48 -16.55 1.36
C PRO A 484 -6.25 -17.79 0.95
N VAL A 485 -6.64 -18.61 1.92
CA VAL A 485 -7.54 -19.73 1.66
C VAL A 485 -8.90 -19.16 1.27
N ALA A 486 -9.35 -19.46 0.06
CA ALA A 486 -10.62 -18.95 -0.47
C ALA A 486 -11.63 -20.09 -0.62
N ALA A 487 -12.85 -19.85 -0.16
CA ALA A 487 -13.93 -20.81 -0.29
C ALA A 487 -14.80 -20.43 -1.51
N ALA A 488 -15.22 -21.42 -2.27
CA ALA A 488 -15.99 -21.17 -3.50
C ALA A 488 -17.26 -20.39 -3.18
N PRO A 489 -17.69 -19.51 -4.09
CA PRO A 489 -18.90 -18.70 -3.82
C PRO A 489 -20.11 -19.58 -3.45
N ARG A 490 -20.86 -19.14 -2.44
CA ARG A 490 -22.07 -19.83 -1.99
C ARG A 490 -23.23 -18.86 -2.05
N PRO A 491 -24.43 -19.34 -2.45
CA PRO A 491 -25.57 -18.44 -2.51
C PRO A 491 -26.00 -17.99 -1.11
N LEU A 492 -26.31 -16.71 -0.98
CA LEU A 492 -26.67 -16.13 0.30
C LEU A 492 -28.11 -16.55 0.66
N PRO A 493 -28.35 -16.90 1.94
CA PRO A 493 -29.73 -17.15 2.39
C PRO A 493 -30.65 -15.97 2.11
N ALA A 494 -31.92 -16.27 1.81
CA ALA A 494 -32.92 -15.22 1.64
C ALA A 494 -33.16 -14.51 2.96
N GLY A 495 -33.60 -13.26 2.89
CA GLY A 495 -33.77 -12.43 4.08
C GLY A 495 -32.53 -11.62 4.41
N GLY A 496 -31.45 -11.81 3.65
CA GLY A 496 -30.25 -10.99 3.79
C GLY A 496 -29.47 -11.21 5.07
N ARG A 497 -29.46 -12.44 5.55
CA ARG A 497 -28.83 -12.79 6.82
C ARG A 497 -27.92 -13.98 6.66
N LEU A 498 -26.85 -14.01 7.45
CA LEU A 498 -25.86 -15.06 7.40
C LEU A 498 -25.12 -15.13 8.72
N THR A 499 -24.99 -16.34 9.26
CA THR A 499 -24.21 -16.57 10.48
C THR A 499 -23.08 -17.56 10.21
N LEU A 500 -21.85 -17.14 10.49
CA LEU A 500 -20.66 -17.98 10.35
C LEU A 500 -20.00 -18.09 11.71
N ARG A 501 -19.39 -19.24 11.99
CA ARG A 501 -18.76 -19.48 13.28
C ARG A 501 -17.34 -20.00 13.10
N PRO A 502 -16.45 -19.16 12.54
CA PRO A 502 -15.08 -19.61 12.26
C PRO A 502 -14.20 -19.71 13.50
N ALA A 503 -13.26 -20.63 13.45
CA ALA A 503 -12.24 -20.75 14.48
C ALA A 503 -11.00 -20.01 13.98
N LEU A 504 -10.89 -18.75 14.37
CA LEU A 504 -9.79 -17.91 13.93
C LEU A 504 -8.55 -18.17 14.77
N ARG A 505 -7.39 -18.00 14.15
CA ARG A 505 -6.12 -18.10 14.86
C ARG A 505 -5.63 -16.71 15.20
N LEU A 506 -4.56 -16.65 15.99
CA LEU A 506 -3.99 -15.40 16.44
C LEU A 506 -2.50 -15.39 16.12
N PRO A 507 -2.10 -14.64 15.07
CA PRO A 507 -2.86 -13.72 14.21
C PRO A 507 -3.71 -14.39 13.13
N SER A 508 -4.73 -13.68 12.67
CA SER A 508 -5.46 -14.07 11.46
C SER A 508 -6.30 -12.93 10.87
N LEU A 509 -6.59 -13.06 9.57
CA LEU A 509 -7.50 -12.16 8.87
C LEU A 509 -8.57 -12.97 8.16
N LEU A 510 -9.81 -12.46 8.20
CA LEU A 510 -10.93 -13.08 7.51
C LEU A 510 -11.75 -12.00 6.82
N LEU A 511 -11.83 -12.06 5.50
CA LEU A 511 -12.71 -11.19 4.75
C LEU A 511 -13.90 -11.99 4.24
N VAL A 512 -15.11 -11.57 4.63
CA VAL A 512 -16.33 -12.08 4.02
C VAL A 512 -16.79 -11.09 2.97
N HIS A 513 -16.89 -11.56 1.72
CA HIS A 513 -17.29 -10.73 0.60
C HIS A 513 -18.68 -11.15 0.17
N VAL A 514 -19.64 -10.22 0.20
CA VAL A 514 -21.02 -10.51 -0.20
C VAL A 514 -21.32 -9.66 -1.42
N CYS A 515 -21.67 -10.32 -2.52
N CYS A 515 -21.68 -10.30 -2.52
CA CYS A 515 -21.78 -9.70 -3.83
CA CYS A 515 -21.81 -9.61 -3.79
C CYS A 515 -23.07 -10.09 -4.54
C CYS A 515 -23.03 -10.07 -4.58
N ALA A 516 -23.80 -9.09 -5.03
CA ALA A 516 -24.91 -9.32 -5.94
C ALA A 516 -24.34 -9.41 -7.36
N ARG A 517 -25.07 -10.07 -8.26
CA ARG A 517 -24.59 -10.34 -9.61
C ARG A 517 -24.77 -9.14 -10.54
N PRO A 518 -23.65 -8.56 -11.04
CA PRO A 518 -23.79 -7.51 -12.06
C PRO A 518 -24.38 -8.06 -13.35
N GLU A 519 -25.21 -7.26 -14.02
CA GLU A 519 -25.87 -7.69 -15.26
C GLU A 519 -24.83 -8.13 -16.30
N LYS A 520 -23.80 -7.31 -16.50
CA LYS A 520 -22.78 -7.63 -17.50
C LYS A 520 -21.55 -8.26 -16.86
N PRO A 521 -20.79 -9.07 -17.63
CA PRO A 521 -19.61 -9.71 -17.07
C PRO A 521 -18.43 -8.74 -16.91
N PRO A 522 -17.32 -9.21 -16.31
CA PRO A 522 -16.16 -8.34 -16.04
C PRO A 522 -15.52 -7.74 -17.30
N GLY A 523 -14.77 -6.66 -17.10
CA GLY A 523 -14.06 -6.01 -18.19
C GLY A 523 -12.76 -6.72 -18.54
N GLN A 524 -11.97 -6.06 -19.40
CA GLN A 524 -10.78 -6.65 -19.98
C GLN A 524 -9.52 -6.39 -19.15
N VAL A 525 -8.71 -7.43 -18.97
CA VAL A 525 -7.35 -7.28 -18.43
C VAL A 525 -6.51 -6.50 -19.44
N THR A 526 -5.76 -5.51 -18.97
CA THR A 526 -4.87 -4.72 -19.83
C THR A 526 -3.43 -4.72 -19.32
N ARG A 527 -2.52 -4.16 -20.12
CA ARG A 527 -1.13 -3.92 -19.71
C ARG A 527 -0.39 -5.21 -19.33
N LEU A 528 -0.70 -6.31 -20.02
CA LEU A 528 -0.06 -7.60 -19.75
C LEU A 528 1.38 -7.58 -20.26
N ARG A 529 2.30 -8.09 -19.46
CA ARG A 529 3.71 -8.17 -19.89
C ARG A 529 4.36 -9.39 -19.26
N ALA A 530 5.34 -9.95 -19.96
CA ALA A 530 6.08 -11.12 -19.49
C ALA A 530 7.54 -10.73 -19.24
N LEU A 531 7.98 -10.85 -17.98
CA LEU A 531 9.32 -10.45 -17.58
C LEU A 531 10.17 -11.67 -17.22
N PRO A 532 11.40 -11.78 -17.76
CA PRO A 532 12.22 -12.94 -17.43
C PRO A 532 12.73 -12.92 -15.98
N LEU A 533 12.72 -14.08 -15.33
CA LEU A 533 13.32 -14.24 -14.01
C LEU A 533 14.61 -15.06 -14.09
N THR A 534 14.48 -16.24 -14.69
CA THR A 534 15.59 -17.19 -14.84
C THR A 534 15.16 -18.26 -15.85
N GLN A 535 16.07 -19.18 -16.16
CA GLN A 535 15.77 -20.30 -17.06
C GLN A 535 14.48 -21.01 -16.62
N GLY A 536 13.49 -21.02 -17.50
CA GLY A 536 12.21 -21.69 -17.24
C GLY A 536 11.24 -20.95 -16.33
N GLN A 537 11.47 -19.65 -16.11
CA GLN A 537 10.60 -18.87 -15.24
C GLN A 537 10.39 -17.45 -15.73
N LEU A 538 9.19 -16.93 -15.51
CA LEU A 538 8.88 -15.53 -15.80
C LEU A 538 7.81 -15.01 -14.84
N VAL A 539 7.63 -13.70 -14.86
CA VAL A 539 6.57 -13.04 -14.10
C VAL A 539 5.57 -12.51 -15.12
N LEU A 540 4.30 -12.83 -14.94
CA LEU A 540 3.24 -12.19 -15.70
C LEU A 540 2.71 -11.07 -14.82
N VAL A 541 2.71 -9.86 -15.35
CA VAL A 541 2.16 -8.71 -14.65
C VAL A 541 1.07 -8.11 -15.53
N TRP A 542 0.01 -7.63 -14.91
CA TRP A 542 -1.06 -6.99 -15.65
C TRP A 542 -1.78 -5.97 -14.78
N SER A 543 -2.70 -5.22 -15.39
CA SER A 543 -3.50 -4.23 -14.68
C SER A 543 -4.98 -4.63 -14.65
N ASP A 544 -5.66 -4.29 -13.57
CA ASP A 544 -7.10 -4.50 -13.44
C ASP A 544 -7.88 -3.19 -13.54
N GLU A 545 -7.27 -2.17 -14.14
CA GLU A 545 -7.87 -0.83 -14.25
C GLU A 545 -9.19 -0.79 -15.01
N HIS A 546 -9.43 -1.73 -15.91
CA HIS A 546 -10.69 -1.77 -16.68
C HIS A 546 -11.55 -3.01 -16.44
N VAL A 547 -11.23 -3.81 -15.42
CA VAL A 547 -12.01 -5.03 -15.17
C VAL A 547 -13.38 -4.71 -14.56
N GLY A 548 -13.46 -3.59 -13.84
CA GLY A 548 -14.71 -3.13 -13.24
C GLY A 548 -14.95 -3.69 -11.86
N SER A 549 -15.91 -4.61 -11.75
CA SER A 549 -16.39 -5.11 -10.47
C SER A 549 -15.31 -5.82 -9.63
N LYS A 550 -15.45 -5.73 -8.32
CA LYS A 550 -14.55 -6.39 -7.38
C LYS A 550 -14.94 -7.84 -7.07
N CYS A 551 -16.06 -8.33 -7.60
N CYS A 551 -16.05 -8.31 -7.63
CA CYS A 551 -16.52 -9.68 -7.29
CA CYS A 551 -16.55 -9.66 -7.38
C CYS A 551 -15.80 -10.69 -8.17
C CYS A 551 -15.80 -10.70 -8.20
N LEU A 552 -14.47 -10.71 -8.07
CA LEU A 552 -13.61 -11.57 -8.88
C LEU A 552 -13.08 -12.76 -8.09
N TRP A 553 -13.15 -13.94 -8.70
CA TRP A 553 -12.67 -15.16 -8.08
C TRP A 553 -11.17 -15.30 -8.32
N THR A 554 -10.75 -15.09 -9.56
CA THR A 554 -9.36 -15.20 -9.93
C THR A 554 -9.14 -14.60 -11.31
N TYR A 555 -7.89 -14.58 -11.75
CA TYR A 555 -7.55 -14.30 -13.13
C TYR A 555 -7.11 -15.58 -13.81
N GLU A 556 -7.82 -15.97 -14.87
CA GLU A 556 -7.45 -17.15 -15.63
C GLU A 556 -6.26 -16.81 -16.51
N ILE A 557 -5.13 -17.47 -16.28
CA ILE A 557 -3.93 -17.32 -17.10
C ILE A 557 -3.88 -18.49 -18.07
N GLN A 558 -3.66 -18.20 -19.35
CA GLN A 558 -3.56 -19.23 -20.38
C GLN A 558 -2.25 -19.12 -21.15
N PHE A 559 -1.68 -20.28 -21.48
CA PHE A 559 -0.41 -20.36 -22.17
C PHE A 559 -0.57 -21.17 -23.47
N SER A 560 0.03 -20.67 -24.54
CA SER A 560 0.02 -21.36 -25.84
C SER A 560 1.43 -21.53 -26.39
N GLN A 561 1.80 -22.77 -26.69
CA GLN A 561 3.00 -23.07 -27.45
C GLN A 561 2.57 -23.37 -28.88
N ASP A 562 1.68 -24.36 -29.02
CA ASP A 562 1.22 -24.84 -30.33
C ASP A 562 0.46 -23.75 -31.06
N GLY A 563 1.21 -22.89 -31.77
CA GLY A 563 0.65 -21.74 -32.47
C GLY A 563 -0.24 -20.91 -31.57
N LYS A 564 -1.54 -21.25 -31.59
CA LYS A 564 -2.52 -20.58 -30.75
C LYS A 564 -3.65 -21.51 -30.27
N ALA A 565 -3.26 -22.65 -29.71
CA ALA A 565 -4.14 -23.44 -28.82
C ALA A 565 -3.75 -23.08 -27.39
N TYR A 566 -4.68 -22.56 -26.61
CA TYR A 566 -4.40 -22.00 -25.28
C TYR A 566 -4.85 -22.91 -24.14
N THR A 567 -3.98 -23.06 -23.13
CA THR A 567 -4.23 -23.94 -22.00
C THR A 567 -4.13 -23.15 -20.69
N PRO A 568 -5.16 -23.26 -19.82
CA PRO A 568 -5.09 -22.56 -18.54
C PRO A 568 -3.99 -23.07 -17.61
N VAL A 569 -3.41 -22.17 -16.83
CA VAL A 569 -2.42 -22.55 -15.84
C VAL A 569 -3.14 -22.75 -14.52
N SER A 570 -3.22 -24.00 -14.06
CA SER A 570 -3.86 -24.30 -12.78
C SER A 570 -3.04 -23.67 -11.66
N ARG A 571 -3.75 -23.03 -10.74
CA ARG A 571 -3.12 -22.32 -9.64
C ARG A 571 -4.16 -21.99 -8.59
N LYS A 572 -3.69 -21.60 -7.40
CA LYS A 572 -4.58 -21.16 -6.34
C LYS A 572 -5.36 -19.92 -6.79
N PRO A 573 -6.62 -19.80 -6.38
CA PRO A 573 -7.39 -18.59 -6.67
C PRO A 573 -6.63 -17.36 -6.19
N SER A 574 -6.52 -16.35 -7.05
CA SER A 574 -5.81 -15.13 -6.67
C SER A 574 -6.30 -13.94 -7.48
N THR A 575 -6.47 -12.81 -6.82
CA THR A 575 -6.77 -11.56 -7.50
C THR A 575 -5.55 -10.65 -7.58
N PHE A 576 -4.40 -11.11 -7.08
CA PHE A 576 -3.15 -10.35 -7.20
C PHE A 576 -2.81 -10.23 -8.69
N ASN A 577 -2.52 -9.00 -9.14
CA ASN A 577 -2.33 -8.72 -10.57
C ASN A 577 -0.93 -9.12 -11.07
N LEU A 578 -0.46 -10.27 -10.64
CA LEU A 578 0.90 -10.70 -10.91
C LEU A 578 0.99 -12.18 -10.59
N PHE A 579 1.74 -12.93 -11.39
CA PHE A 579 1.93 -14.35 -11.14
C PHE A 579 3.27 -14.80 -11.68
N VAL A 580 4.04 -15.47 -10.83
CA VAL A 580 5.30 -16.09 -11.26
C VAL A 580 4.96 -17.45 -11.87
N PHE A 581 5.32 -17.64 -13.14
CA PHE A 581 5.10 -18.90 -13.82
C PHE A 581 6.41 -19.68 -13.86
N SER A 582 6.45 -20.78 -13.12
CA SER A 582 7.62 -21.65 -13.05
C SER A 582 7.19 -23.10 -13.24
N PRO A 583 6.90 -23.50 -14.49
CA PRO A 583 6.43 -24.87 -14.74
C PRO A 583 7.55 -25.89 -14.58
N ASP A 584 7.22 -27.06 -14.03
CA ASP A 584 8.18 -28.16 -13.81
C ASP A 584 8.94 -28.51 -15.08
N THR A 585 8.27 -28.37 -16.21
CA THR A 585 8.84 -28.74 -17.51
C THR A 585 9.87 -27.74 -18.03
N GLY A 586 9.87 -26.52 -17.48
CA GLY A 586 10.70 -25.44 -18.00
C GLY A 586 10.20 -24.84 -19.30
N ALA A 587 9.04 -25.27 -19.78
CA ALA A 587 8.49 -24.80 -21.04
C ALA A 587 7.72 -23.50 -20.82
N VAL A 588 8.37 -22.37 -21.09
CA VAL A 588 7.75 -21.05 -20.92
C VAL A 588 7.63 -20.24 -22.22
N SER A 589 8.35 -20.65 -23.26
CA SER A 589 8.36 -19.91 -24.53
C SER A 589 7.07 -20.15 -25.30
N GLY A 590 6.43 -19.06 -25.71
CA GLY A 590 5.14 -19.12 -26.40
C GLY A 590 4.37 -17.82 -26.22
N SER A 591 3.06 -17.92 -26.07
CA SER A 591 2.23 -16.74 -25.88
C SER A 591 1.31 -16.90 -24.68
N TYR A 592 1.03 -15.78 -24.01
CA TYR A 592 0.20 -15.76 -22.81
C TYR A 592 -0.95 -14.79 -22.95
N ARG A 593 -2.07 -15.12 -22.31
CA ARG A 593 -3.21 -14.20 -22.21
C ARG A 593 -3.90 -14.44 -20.89
N VAL A 594 -4.55 -13.39 -20.38
CA VAL A 594 -5.17 -13.43 -19.06
C VAL A 594 -6.56 -12.78 -19.09
N ARG A 595 -7.48 -13.31 -18.29
CA ARG A 595 -8.80 -12.70 -18.13
C ARG A 595 -9.33 -12.82 -16.70
N ALA A 596 -10.25 -11.92 -16.37
CA ALA A 596 -10.93 -11.96 -15.08
C ALA A 596 -12.02 -13.04 -15.08
N LEU A 597 -12.20 -13.72 -13.96
CA LEU A 597 -13.31 -14.65 -13.75
C LEU A 597 -14.07 -14.23 -12.51
N ASP A 598 -15.37 -13.96 -12.65
CA ASP A 598 -16.16 -13.47 -11.51
C ASP A 598 -16.73 -14.62 -10.67
N TYR A 599 -17.47 -14.30 -9.62
CA TYR A 599 -17.99 -15.32 -8.71
C TYR A 599 -19.04 -16.23 -9.35
N TRP A 600 -19.57 -15.84 -10.50
CA TRP A 600 -20.57 -16.66 -11.22
C TRP A 600 -19.95 -17.38 -12.41
N ALA A 601 -18.62 -17.56 -12.38
CA ALA A 601 -17.86 -18.27 -13.40
C ALA A 601 -17.86 -17.60 -14.79
N ARG A 602 -18.29 -16.35 -14.86
CA ARG A 602 -18.31 -15.62 -16.13
C ARG A 602 -16.96 -14.99 -16.37
N PRO A 603 -16.42 -15.12 -17.59
CA PRO A 603 -15.16 -14.49 -17.89
C PRO A 603 -15.32 -13.06 -18.41
N GLY A 604 -14.30 -12.23 -18.20
CA GLY A 604 -14.18 -10.97 -18.94
C GLY A 604 -13.46 -11.28 -20.24
N PRO A 605 -13.32 -10.27 -21.12
CA PRO A 605 -12.57 -10.50 -22.35
C PRO A 605 -11.08 -10.75 -22.07
N PHE A 606 -10.47 -11.62 -22.86
CA PHE A 606 -9.03 -11.84 -22.74
C PHE A 606 -8.24 -10.58 -23.04
N SER A 607 -7.09 -10.47 -22.41
CA SER A 607 -6.10 -9.48 -22.80
C SER A 607 -5.61 -9.82 -24.21
N ASP A 608 -4.91 -8.89 -24.85
CA ASP A 608 -4.16 -9.23 -26.04
C ASP A 608 -3.12 -10.28 -25.68
N PRO A 609 -2.83 -11.21 -26.61
CA PRO A 609 -1.79 -12.18 -26.32
C PRO A 609 -0.41 -11.53 -26.25
N VAL A 610 0.43 -12.03 -25.34
CA VAL A 610 1.78 -11.52 -25.21
C VAL A 610 2.78 -12.65 -25.48
N PRO A 611 3.67 -12.45 -26.48
CA PRO A 611 4.65 -13.48 -26.81
C PRO A 611 5.79 -13.48 -25.80
N TYR A 612 6.47 -14.62 -25.68
CA TYR A 612 7.67 -14.71 -24.85
C TYR A 612 8.59 -15.76 -25.44
N LEU A 613 9.86 -15.40 -25.60
CA LEU A 613 10.88 -16.30 -26.13
C LEU A 613 12.12 -16.21 -25.24
N GLU A 614 12.56 -17.33 -24.68
CA GLU A 614 13.75 -17.35 -23.82
C GLU A 614 15.01 -17.13 -24.64
#